data_4IUE
#
_entry.id   4IUE
#
_cell.length_a   67.188
_cell.length_b   67.188
_cell.length_c   115.180
_cell.angle_alpha   90.000
_cell.angle_beta   90.000
_cell.angle_gamma   90.000
#
_symmetry.space_group_name_H-M   'P 41 21 2'
#
loop_
_entity.id
_entity.type
_entity.pdbx_description
1 polymer Tankyrase-2
2 non-polymer 'ZINC ION'
3 non-polymer 'SULFATE ION'
4 non-polymer 7-(2-fluorophenyl)-4-methylquinolin-2(1H)-one
5 water water
#
_entity_poly.entity_id   1
_entity_poly.type   'polypeptide(L)'
_entity_poly.pdbx_seq_one_letter_code
;GTILIDLSPDDKEFQSVEEEMQSTVREHRDGGHAGGIFNRYNILKIQKVCNKKLWERYTHRRKEVSEENHNHANERMLFH
GSPFVNAIIHKGFDERHAYIGGMFGAGIYFAENSSKSNQYVYGIGGGTGCPVHKDRSCYICHRQLLFCRVTLGKSFLQFS
AMKMAHSPPGHHSVTGRPSVNGLALAEYVIYRGEQAYPEYLITYQIMRPE
;
_entity_poly.pdbx_strand_id   A
#
loop_
_chem_comp.id
_chem_comp.type
_chem_comp.name
_chem_comp.formula
AJ4 non-polymer 7-(2-fluorophenyl)-4-methylquinolin-2(1H)-one 'C16 H12 F N O'
SO4 non-polymer 'SULFATE ION' 'O4 S -2'
ZN non-polymer 'ZINC ION' 'Zn 2'
#
# COMPACT_ATOMS: atom_id res chain seq x y z
N GLY A 1 -20.42 3.24 -7.29
CA GLY A 1 -20.63 2.32 -6.13
C GLY A 1 -19.79 2.63 -4.89
N THR A 2 -18.78 3.49 -5.04
CA THR A 2 -17.91 3.73 -3.89
C THR A 2 -18.36 4.95 -3.14
N ILE A 3 -18.45 4.82 -1.83
CA ILE A 3 -18.62 5.97 -1.02
C ILE A 3 -17.49 6.03 -0.01
N LEU A 4 -17.17 7.24 0.41
CA LEU A 4 -16.07 7.49 1.30
C LEU A 4 -16.61 8.13 2.56
N ILE A 5 -16.43 7.44 3.68
CA ILE A 5 -16.83 8.00 4.97
C ILE A 5 -15.65 8.62 5.75
N ASP A 6 -15.77 9.89 6.10
CA ASP A 6 -14.74 10.55 6.91
C ASP A 6 -14.65 9.99 8.30
N LEU A 7 -13.46 9.63 8.75
CA LEU A 7 -13.33 9.27 10.14
C LEU A 7 -12.95 10.50 10.91
N SER A 8 -13.42 10.57 12.14
CA SER A 8 -13.22 11.73 12.96
C SER A 8 -11.90 11.56 13.70
N PRO A 9 -11.03 12.60 13.71
CA PRO A 9 -9.73 12.51 14.44
C PRO A 9 -9.84 12.03 15.89
N ASP A 10 -11.06 12.11 16.46
CA ASP A 10 -11.37 11.71 17.82
C ASP A 10 -11.77 10.25 17.92
N ASP A 11 -12.13 9.66 16.78
CA ASP A 11 -12.46 8.22 16.73
C ASP A 11 -11.15 7.46 16.92
N LYS A 12 -11.19 6.40 17.75
CA LYS A 12 -10.03 5.54 17.97
C LYS A 12 -9.53 4.86 16.66
N GLU A 13 -10.45 4.54 15.74
CA GLU A 13 -10.10 4.07 14.42
C GLU A 13 -9.20 5.06 13.64
N PHE A 14 -9.63 6.31 13.50
CA PHE A 14 -8.72 7.35 12.98
C PHE A 14 -7.34 7.23 13.64
N GLN A 15 -7.33 7.11 14.96
CA GLN A 15 -6.09 7.23 15.69
C GLN A 15 -5.12 6.05 15.45
N SER A 16 -5.64 4.81 15.39
CA SER A 16 -4.82 3.65 15.08
C SER A 16 -4.29 3.65 13.65
N VAL A 17 -5.13 4.01 12.68
CA VAL A 17 -4.63 4.11 11.29
C VAL A 17 -3.51 5.15 11.22
N GLU A 18 -3.74 6.34 11.82
CA GLU A 18 -2.63 7.33 11.92
C GLU A 18 -1.39 6.71 12.58
N GLU A 19 -1.60 5.92 13.64
CA GLU A 19 -0.47 5.33 14.39
C GLU A 19 0.34 4.39 13.50
N GLU A 20 -0.35 3.51 12.80
CA GLU A 20 0.26 2.70 11.74
C GLU A 20 1.01 3.50 10.66
N MET A 21 0.51 4.65 10.24
CA MET A 21 1.26 5.52 9.32
C MET A 21 2.54 5.99 9.97
N GLN A 22 2.38 6.64 11.11
CA GLN A 22 3.50 7.35 11.77
C GLN A 22 4.60 6.39 12.23
N SER A 23 4.20 5.22 12.77
CA SER A 23 5.16 4.33 13.42
C SER A 23 6.02 3.54 12.41
N THR A 24 5.62 3.52 11.13
CA THR A 24 6.28 2.70 10.17
C THR A 24 6.99 3.58 9.14
N VAL A 25 7.28 4.83 9.50
CA VAL A 25 8.20 5.67 8.73
C VAL A 25 9.62 5.20 9.08
N ARG A 26 10.43 5.01 8.04
CA ARG A 26 11.86 4.73 8.21
C ARG A 26 12.72 5.62 7.29
N GLU A 27 14.02 5.58 7.49
CA GLU A 27 14.96 6.11 6.50
C GLU A 27 15.10 5.22 5.26
N HIS A 28 15.30 5.90 4.13
CA HIS A 28 15.41 5.21 2.86
C HIS A 28 16.80 5.36 2.28
N ARG A 29 17.28 4.29 1.64
CA ARG A 29 18.63 4.25 1.08
C ARG A 29 18.87 5.33 0.01
N ASP A 30 17.77 5.91 -0.49
CA ASP A 30 17.88 6.89 -1.54
C ASP A 30 18.01 8.27 -0.97
N GLY A 31 18.20 8.37 0.36
CA GLY A 31 18.29 9.63 1.07
C GLY A 31 17.03 10.49 0.89
N GLY A 32 15.93 9.90 0.44
CA GLY A 32 14.72 10.69 0.26
C GLY A 32 14.50 11.14 -1.17
N HIS A 33 15.37 10.74 -2.09
CA HIS A 33 15.20 11.07 -3.51
C HIS A 33 13.78 10.84 -4.03
N ALA A 34 13.26 9.62 -3.91
CA ALA A 34 11.93 9.27 -4.44
C ALA A 34 10.73 9.84 -3.66
N GLY A 35 10.75 9.76 -2.32
CA GLY A 35 9.58 10.14 -1.56
C GLY A 35 9.67 11.41 -0.73
N GLY A 36 10.87 11.97 -0.67
CA GLY A 36 11.08 13.16 0.09
C GLY A 36 11.75 12.96 1.43
N ILE A 37 12.14 14.07 2.06
CA ILE A 37 12.87 14.00 3.32
C ILE A 37 11.92 14.36 4.47
N PHE A 38 11.67 13.41 5.36
CA PHE A 38 10.73 13.60 6.47
C PHE A 38 10.83 12.49 7.53
N ASN A 39 10.32 12.72 8.73
CA ASN A 39 10.28 11.69 9.79
C ASN A 39 8.85 11.39 10.13
N ARG A 40 7.97 12.32 9.78
CA ARG A 40 6.57 12.17 10.13
C ARG A 40 5.65 12.87 9.13
N TYR A 41 4.36 12.52 9.24
CA TYR A 41 3.31 13.13 8.39
C TYR A 41 2.43 14.12 9.13
N ASN A 42 1.82 15.01 8.37
CA ASN A 42 0.67 15.75 8.86
C ASN A 42 -0.51 15.09 8.17
N ILE A 43 -1.30 14.35 8.96
CA ILE A 43 -2.44 13.63 8.44
C ILE A 43 -3.61 14.60 8.26
N LEU A 44 -4.13 14.73 7.04
CA LEU A 44 -5.19 15.75 6.80
C LEU A 44 -6.56 15.14 6.88
N LYS A 45 -6.70 13.89 6.47
CA LYS A 45 -8.01 13.24 6.43
C LYS A 45 -7.79 11.74 6.34
N ILE A 46 -8.65 10.97 6.99
CA ILE A 46 -8.69 9.52 6.77
C ILE A 46 -10.13 9.12 6.44
N GLN A 47 -10.31 8.45 5.32
CA GLN A 47 -11.62 8.02 4.87
C GLN A 47 -11.74 6.53 4.71
N LYS A 48 -12.84 6.01 5.24
CA LYS A 48 -13.21 4.62 5.05
C LYS A 48 -13.79 4.43 3.64
N VAL A 49 -13.25 3.48 2.87
CA VAL A 49 -13.72 3.23 1.48
C VAL A 49 -14.77 2.12 1.48
N CYS A 50 -15.96 2.41 0.94
CA CYS A 50 -17.12 1.50 1.02
CA CYS A 50 -17.10 1.47 1.02
C CYS A 50 -17.66 1.19 -0.36
N ASN A 51 -17.45 -0.03 -0.83
CA ASN A 51 -17.95 -0.44 -2.12
C ASN A 51 -18.38 -1.89 -1.98
N LYS A 52 -19.69 -2.11 -2.00
CA LYS A 52 -20.25 -3.43 -1.69
C LYS A 52 -19.75 -4.51 -2.68
N LYS A 53 -19.72 -4.17 -3.97
CA LYS A 53 -19.28 -5.07 -5.04
C LYS A 53 -17.79 -5.37 -4.99
N LEU A 54 -16.99 -4.36 -4.63
CA LEU A 54 -15.57 -4.59 -4.49
C LEU A 54 -15.27 -5.42 -3.24
N TRP A 55 -16.02 -5.15 -2.17
CA TRP A 55 -15.90 -5.90 -0.93
C TRP A 55 -16.27 -7.38 -1.17
N GLU A 56 -17.43 -7.61 -1.77
CA GLU A 56 -17.87 -8.99 -2.02
C GLU A 56 -16.89 -9.71 -2.94
N ARG A 57 -16.30 -8.98 -3.88
CA ARG A 57 -15.31 -9.55 -4.76
C ARG A 57 -14.03 -9.91 -3.99
N TYR A 58 -13.67 -9.09 -3.01
CA TYR A 58 -12.54 -9.37 -2.13
C TYR A 58 -12.81 -10.62 -1.29
N THR A 59 -13.95 -10.66 -0.60
CA THR A 59 -14.23 -11.74 0.37
C THR A 59 -14.44 -13.08 -0.32
N HIS A 60 -14.94 -13.04 -1.54
CA HIS A 60 -15.07 -14.25 -2.32
C HIS A 60 -13.69 -14.84 -2.56
N ARG A 61 -12.72 -14.01 -2.95
CA ARG A 61 -11.39 -14.51 -3.25
C ARG A 61 -10.71 -14.96 -1.95
N ARG A 62 -10.99 -14.26 -0.86
CA ARG A 62 -10.41 -14.57 0.44
C ARG A 62 -10.76 -16.00 0.86
N LYS A 63 -12.06 -16.35 0.78
CA LYS A 63 -12.60 -17.69 1.15
C LYS A 63 -11.92 -18.81 0.34
N GLU A 64 -11.90 -18.63 -0.98
CA GLU A 64 -11.12 -19.45 -1.87
C GLU A 64 -9.69 -19.62 -1.40
N VAL A 65 -8.97 -18.51 -1.19
CA VAL A 65 -7.56 -18.62 -0.78
C VAL A 65 -7.46 -19.33 0.56
N SER A 66 -8.39 -19.02 1.45
CA SER A 66 -8.46 -19.61 2.78
C SER A 66 -8.54 -21.11 2.66
N GLU A 67 -9.45 -21.57 1.79
CA GLU A 67 -9.73 -23.00 1.68
C GLU A 67 -8.58 -23.75 1.12
N GLU A 68 -7.80 -23.09 0.26
CA GLU A 68 -6.61 -23.72 -0.30
C GLU A 68 -5.45 -23.66 0.67
N ASN A 69 -5.63 -22.96 1.78
CA ASN A 69 -4.52 -22.80 2.70
C ASN A 69 -4.90 -23.21 4.13
N HIS A 70 -5.38 -24.45 4.28
CA HIS A 70 -5.59 -25.00 5.62
C HIS A 70 -6.39 -24.03 6.53
N ASN A 71 -7.51 -23.56 5.98
CA ASN A 71 -8.33 -22.47 6.53
C ASN A 71 -7.58 -21.21 7.07
N HIS A 72 -6.59 -20.74 6.31
CA HIS A 72 -5.81 -19.56 6.71
C HIS A 72 -5.62 -18.53 5.59
N ALA A 73 -6.47 -17.52 5.62
CA ALA A 73 -6.42 -16.35 4.69
C ALA A 73 -5.10 -15.55 4.72
N ASN A 74 -4.48 -15.48 5.91
CA ASN A 74 -3.21 -14.80 6.09
C ASN A 74 -3.36 -13.36 5.58
N GLU A 75 -4.43 -12.75 6.07
CA GLU A 75 -4.84 -11.42 5.81
C GLU A 75 -4.07 -10.37 6.64
N ARG A 76 -3.52 -9.39 5.94
CA ARG A 76 -2.74 -8.30 6.54
C ARG A 76 -3.36 -6.95 6.22
N MET A 77 -2.96 -5.92 6.96
CA MET A 77 -3.33 -4.55 6.58
C MET A 77 -1.99 -3.96 6.11
N LEU A 78 -1.94 -3.47 4.88
CA LEU A 78 -0.69 -3.05 4.24
C LEU A 78 -0.91 -1.74 3.48
N PHE A 79 0.13 -0.91 3.40
CA PHE A 79 0.11 0.30 2.58
C PHE A 79 0.26 0.11 1.07
N HIS A 80 -0.38 1.02 0.33
CA HIS A 80 -0.15 1.07 -1.07
C HIS A 80 -0.24 2.51 -1.57
N GLY A 81 0.81 2.96 -2.23
CA GLY A 81 0.85 4.27 -2.85
C GLY A 81 0.96 4.08 -4.35
N SER A 82 0.37 4.99 -5.10
CA SER A 82 0.28 4.84 -6.52
C SER A 82 -0.37 6.08 -7.10
N PRO A 83 0.00 6.45 -8.35
CA PRO A 83 -0.67 7.57 -9.00
C PRO A 83 -2.13 7.25 -9.30
N PHE A 84 -2.55 5.99 -9.13
CA PHE A 84 -3.88 5.54 -9.57
C PHE A 84 -4.87 5.36 -8.43
N VAL A 85 -4.57 5.99 -7.30
CA VAL A 85 -5.35 5.84 -6.10
C VAL A 85 -6.84 6.12 -6.30
N ASN A 86 -7.16 7.21 -7.01
CA ASN A 86 -8.57 7.56 -7.35
CA ASN A 86 -8.56 7.51 -7.19
C ASN A 86 -9.27 6.50 -8.15
N ALA A 87 -8.54 5.87 -9.07
CA ALA A 87 -9.10 4.76 -9.87
C ALA A 87 -9.30 3.47 -9.06
N ILE A 88 -8.29 3.14 -8.24
CA ILE A 88 -8.34 1.99 -7.36
C ILE A 88 -9.54 2.01 -6.40
N ILE A 89 -9.74 3.10 -5.67
CA ILE A 89 -10.94 3.12 -4.79
C ILE A 89 -12.27 2.89 -5.51
N HIS A 90 -12.35 3.19 -6.81
CA HIS A 90 -13.63 3.12 -7.56
C HIS A 90 -13.81 1.81 -8.28
N LYS A 91 -12.72 1.25 -8.77
CA LYS A 91 -12.82 0.07 -9.64
C LYS A 91 -11.97 -1.08 -9.16
N GLY A 92 -11.19 -0.84 -8.11
CA GLY A 92 -10.41 -1.92 -7.47
C GLY A 92 -9.05 -2.15 -8.09
N PHE A 93 -8.29 -3.06 -7.51
CA PHE A 93 -6.96 -3.34 -8.05
C PHE A 93 -7.11 -4.16 -9.32
N ASP A 94 -6.28 -3.86 -10.31
CA ASP A 94 -6.11 -4.78 -11.44
C ASP A 94 -4.68 -4.74 -11.99
N GLU A 95 -4.44 -5.51 -13.06
CA GLU A 95 -3.11 -5.58 -13.77
C GLU A 95 -2.42 -4.23 -14.13
N ARG A 96 -3.22 -3.18 -14.30
CA ARG A 96 -2.71 -1.87 -14.61
C ARG A 96 -2.09 -1.20 -13.39
N HIS A 97 -2.28 -1.79 -12.20
CA HIS A 97 -1.61 -1.34 -10.94
C HIS A 97 -0.41 -2.25 -10.60
N ALA A 98 -0.16 -3.23 -11.47
CA ALA A 98 0.96 -4.14 -11.32
C ALA A 98 2.28 -3.45 -11.69
N TYR A 99 3.34 -3.87 -11.01
CA TYR A 99 4.68 -3.37 -11.25
C TYR A 99 5.42 -4.41 -12.09
N ILE A 100 5.40 -4.18 -13.41
CA ILE A 100 5.98 -5.11 -14.40
C ILE A 100 7.44 -5.44 -14.09
N GLY A 101 8.23 -4.42 -13.73
CA GLY A 101 9.65 -4.63 -13.44
C GLY A 101 10.04 -4.72 -11.97
N GLY A 102 9.10 -5.15 -11.12
CA GLY A 102 9.36 -5.36 -9.71
C GLY A 102 10.33 -6.48 -9.37
N MET A 103 11.10 -6.27 -8.31
CA MET A 103 12.03 -7.28 -7.84
C MET A 103 11.43 -8.70 -7.69
N PHE A 104 10.17 -8.77 -7.27
CA PHE A 104 9.54 -10.06 -6.92
C PHE A 104 8.52 -10.48 -7.96
N GLY A 105 8.69 -10.01 -9.20
CA GLY A 105 7.76 -10.36 -10.27
C GLY A 105 6.60 -9.39 -10.55
N ALA A 106 5.90 -9.63 -11.64
CA ALA A 106 4.84 -8.73 -12.11
C ALA A 106 3.55 -8.89 -11.31
N GLY A 107 3.40 -8.11 -10.25
CA GLY A 107 2.15 -8.11 -9.51
C GLY A 107 2.00 -6.81 -8.74
N ILE A 108 0.98 -6.76 -7.90
CA ILE A 108 0.65 -5.54 -7.18
C ILE A 108 1.47 -5.60 -5.87
N TYR A 109 2.21 -4.53 -5.60
CA TYR A 109 3.09 -4.45 -4.46
C TYR A 109 2.51 -3.69 -3.32
N PHE A 110 2.76 -4.18 -2.10
CA PHE A 110 2.24 -3.57 -0.88
C PHE A 110 3.36 -3.50 0.12
N ALA A 111 3.26 -2.57 1.06
CA ALA A 111 4.40 -2.36 1.93
C ALA A 111 3.98 -2.29 3.40
N GLU A 112 4.75 -2.94 4.27
CA GLU A 112 4.69 -2.65 5.71
C GLU A 112 5.15 -1.24 6.11
N ASN A 113 6.13 -0.65 5.45
CA ASN A 113 6.56 0.70 5.79
C ASN A 113 5.74 1.72 5.02
N SER A 114 4.98 2.55 5.74
CA SER A 114 4.22 3.58 5.08
C SER A 114 5.13 4.44 4.19
N SER A 115 6.37 4.66 4.61
CA SER A 115 7.25 5.57 3.82
C SER A 115 7.80 4.91 2.53
N LYS A 116 7.64 3.59 2.47
CA LYS A 116 7.96 2.85 1.24
C LYS A 116 6.83 3.15 0.27
N SER A 117 5.58 3.11 0.74
CA SER A 117 4.45 3.35 -0.15
C SER A 117 4.47 4.80 -0.58
N ASN A 118 4.84 5.68 0.33
CA ASN A 118 4.92 7.09 0.00
C ASN A 118 5.87 7.35 -1.17
N GLN A 119 6.93 6.55 -1.32
CA GLN A 119 7.81 6.67 -2.50
C GLN A 119 7.11 6.49 -3.88
N TYR A 120 5.93 5.87 -3.96
CA TYR A 120 5.24 5.57 -5.23
C TYR A 120 4.02 6.46 -5.54
N VAL A 121 3.76 7.39 -4.63
CA VAL A 121 2.57 8.22 -4.71
C VAL A 121 2.59 9.06 -6.01
N TYR A 122 3.78 9.49 -6.43
CA TYR A 122 3.95 10.20 -7.70
C TYR A 122 4.50 9.29 -8.82
N GLY A 123 4.44 7.98 -8.63
CA GLY A 123 4.94 7.02 -9.65
C GLY A 123 6.23 6.33 -9.28
N ILE A 124 6.63 5.33 -10.09
CA ILE A 124 7.87 4.57 -9.88
C ILE A 124 8.97 5.59 -9.66
N GLY A 125 9.74 5.43 -8.60
CA GLY A 125 10.86 6.36 -8.36
C GLY A 125 10.45 7.75 -7.94
N GLY A 126 9.17 7.93 -7.61
CA GLY A 126 8.66 9.26 -7.26
C GLY A 126 8.28 10.05 -8.49
N GLY A 127 8.38 9.46 -9.69
CA GLY A 127 8.13 10.15 -10.98
C GLY A 127 8.92 11.47 -11.03
N THR A 128 8.23 12.55 -11.38
CA THR A 128 8.77 13.92 -11.34
C THR A 128 8.19 14.70 -10.15
N GLY A 129 7.64 14.01 -9.15
CA GLY A 129 7.20 14.69 -7.93
C GLY A 129 5.81 15.25 -8.05
N CYS A 130 5.44 16.20 -7.19
CA CYS A 130 4.08 16.73 -7.19
C CYS A 130 3.80 17.41 -8.54
N PRO A 131 2.53 17.36 -9.02
CA PRO A 131 2.20 18.00 -10.31
C PRO A 131 2.39 19.53 -10.31
N VAL A 132 2.29 20.15 -9.14
CA VAL A 132 2.29 21.60 -9.07
C VAL A 132 3.70 22.17 -9.01
N HIS A 133 4.59 21.52 -8.28
CA HIS A 133 5.95 22.03 -8.09
C HIS A 133 7.05 21.13 -8.70
N LYS A 134 6.70 19.95 -9.23
CA LYS A 134 7.72 18.96 -9.67
C LYS A 134 8.75 18.65 -8.57
N ASP A 135 8.26 18.52 -7.33
CA ASP A 135 9.10 18.36 -6.17
C ASP A 135 8.77 16.98 -5.52
N ARG A 136 9.70 16.04 -5.61
CA ARG A 136 9.50 14.74 -5.02
C ARG A 136 9.42 14.85 -3.52
N SER A 137 9.97 15.96 -3.00
CA SER A 137 9.98 16.29 -1.58
C SER A 137 8.98 17.40 -1.15
N CYS A 138 7.95 17.64 -1.96
CA CYS A 138 7.03 18.71 -1.69
C CYS A 138 6.33 18.57 -0.32
N TYR A 139 6.43 19.63 0.50
CA TYR A 139 5.79 19.74 1.83
C TYR A 139 4.43 20.44 1.81
N ILE A 140 3.98 20.80 0.61
CA ILE A 140 2.83 21.68 0.45
C ILE A 140 1.67 20.86 -0.12
N CYS A 141 1.90 20.12 -1.20
CA CYS A 141 0.82 19.41 -1.86
C CYS A 141 0.37 18.22 -1.02
N HIS A 142 -0.92 17.99 -1.10
CA HIS A 142 -1.60 16.87 -0.45
C HIS A 142 -1.34 15.55 -1.13
N ARG A 143 -0.79 14.59 -0.39
CA ARG A 143 -0.61 13.23 -0.90
C ARG A 143 -1.71 12.32 -0.40
N GLN A 144 -1.88 11.19 -1.06
CA GLN A 144 -2.81 10.14 -0.62
C GLN A 144 -2.21 8.77 -0.73
N LEU A 145 -2.40 7.95 0.32
CA LEU A 145 -2.02 6.53 0.36
C LEU A 145 -3.26 5.68 0.63
N LEU A 146 -3.19 4.39 0.28
CA LEU A 146 -4.21 3.43 0.73
C LEU A 146 -3.66 2.54 1.86
N PHE A 147 -4.49 2.25 2.84
CA PHE A 147 -4.17 1.26 3.82
C PHE A 147 -5.15 0.12 3.53
N CYS A 148 -4.61 -1.01 3.07
CA CYS A 148 -5.44 -2.03 2.43
C CYS A 148 -5.50 -3.36 3.17
N ARG A 149 -6.59 -4.06 2.94
CA ARG A 149 -6.78 -5.40 3.41
C ARG A 149 -6.26 -6.35 2.33
N VAL A 150 -5.22 -7.13 2.65
CA VAL A 150 -4.55 -7.98 1.65
C VAL A 150 -4.52 -9.48 2.04
N THR A 151 -5.06 -10.34 1.17
CA THR A 151 -5.00 -11.78 1.42
C THR A 151 -3.72 -12.40 0.87
N LEU A 152 -2.83 -12.88 1.75
CA LEU A 152 -1.55 -13.47 1.31
C LEU A 152 -1.56 -15.01 1.08
N GLY A 153 -2.51 -15.72 1.70
CA GLY A 153 -2.52 -17.19 1.61
C GLY A 153 -1.15 -17.73 1.97
N LYS A 154 -0.71 -18.74 1.23
CA LYS A 154 0.63 -19.29 1.44
C LYS A 154 1.50 -18.33 0.71
N SER A 155 2.32 -17.61 1.46
CA SER A 155 3.22 -16.66 0.85
C SER A 155 4.58 -17.29 0.60
N PHE A 156 5.10 -17.12 -0.60
CA PHE A 156 6.44 -17.57 -0.91
C PHE A 156 7.47 -16.55 -0.39
N LEU A 157 8.36 -16.99 0.49
CA LEU A 157 9.27 -16.09 1.11
C LEU A 157 10.48 -15.90 0.23
N GLN A 158 10.71 -14.67 -0.18
CA GLN A 158 11.86 -14.32 -1.01
C GLN A 158 12.71 -13.30 -0.27
N PHE A 159 13.97 -13.62 -0.03
CA PHE A 159 14.85 -12.68 0.59
C PHE A 159 15.32 -11.75 -0.50
N SER A 160 15.53 -10.50 -0.12
CA SER A 160 16.08 -9.56 -1.05
C SER A 160 17.38 -9.00 -0.48
N ALA A 161 18.24 -8.52 -1.38
CA ALA A 161 19.50 -7.95 -0.98
C ALA A 161 19.38 -6.48 -0.48
N MET A 162 18.14 -5.97 -0.39
CA MET A 162 17.82 -4.58 0.01
C MET A 162 17.94 -4.27 1.53
N MET A 164 0.42 -9.52 -15.92
CA MET A 164 0.59 -9.89 -14.51
C MET A 164 1.06 -11.35 -14.40
N ALA A 165 2.17 -11.57 -13.69
CA ALA A 165 2.81 -12.89 -13.52
C ALA A 165 1.94 -13.87 -12.76
N HIS A 166 2.40 -15.11 -12.64
CA HIS A 166 1.75 -16.09 -11.78
C HIS A 166 2.46 -16.10 -10.42
N SER A 167 1.68 -16.35 -9.36
CA SER A 167 2.23 -16.78 -8.07
C SER A 167 3.09 -18.04 -8.27
N PRO A 168 4.09 -18.27 -7.39
CA PRO A 168 4.86 -19.53 -7.52
C PRO A 168 3.95 -20.75 -7.24
N PRO A 169 4.19 -21.88 -7.95
CA PRO A 169 3.31 -23.04 -7.77
C PRO A 169 2.96 -23.30 -6.31
N GLY A 170 1.67 -23.49 -6.06
CA GLY A 170 1.15 -23.74 -4.73
C GLY A 170 1.19 -22.55 -3.78
N HIS A 171 1.56 -21.35 -4.27
CA HIS A 171 1.58 -20.14 -3.41
C HIS A 171 0.57 -19.05 -3.87
N HIS A 172 0.14 -18.19 -2.95
CA HIS A 172 -0.85 -17.17 -3.27
C HIS A 172 -0.28 -15.74 -3.33
N SER A 173 1.01 -15.61 -3.04
CA SER A 173 1.62 -14.29 -2.96
C SER A 173 3.08 -14.44 -2.69
N VAL A 174 3.83 -13.34 -2.80
CA VAL A 174 5.24 -13.32 -2.43
C VAL A 174 5.49 -12.35 -1.28
N THR A 175 6.30 -12.77 -0.33
CA THR A 175 6.86 -11.88 0.69
C THR A 175 8.28 -11.49 0.31
N GLY A 176 8.50 -10.22 0.01
CA GLY A 176 9.86 -9.74 -0.24
C GLY A 176 10.41 -9.16 1.02
N ARG A 177 11.46 -9.77 1.52
CA ARG A 177 11.88 -9.47 2.86
C ARG A 177 13.31 -8.97 2.82
N PRO A 178 13.48 -7.65 3.01
CA PRO A 178 14.85 -7.13 2.92
C PRO A 178 15.76 -7.89 3.89
N SER A 179 16.93 -8.34 3.43
CA SER A 179 17.89 -9.04 4.28
C SER A 179 19.15 -8.21 4.70
N VAL A 180 19.32 -7.01 4.17
CA VAL A 180 20.53 -6.22 4.46
C VAL A 180 20.24 -5.09 5.46
N ASN A 181 19.29 -4.23 5.09
CA ASN A 181 18.75 -3.27 6.01
C ASN A 181 17.86 -3.97 7.06
N GLY A 182 18.42 -4.15 8.26
CA GLY A 182 17.71 -4.78 9.38
C GLY A 182 16.43 -4.06 9.79
N LEU A 183 16.33 -2.78 9.43
CA LEU A 183 15.19 -1.97 9.83
C LEU A 183 14.13 -1.80 8.74
N ALA A 184 14.40 -2.35 7.55
CA ALA A 184 13.44 -2.24 6.50
C ALA A 184 12.42 -3.37 6.67
N LEU A 185 11.14 -2.99 6.73
CA LEU A 185 10.07 -3.98 6.84
C LEU A 185 9.77 -4.61 5.48
N ALA A 186 8.92 -5.63 5.47
CA ALA A 186 8.66 -6.43 4.29
C ALA A 186 7.76 -5.74 3.23
N GLU A 187 7.75 -6.31 2.02
CA GLU A 187 6.87 -5.94 0.97
C GLU A 187 6.19 -7.21 0.52
N TYR A 188 5.00 -7.11 -0.04
CA TYR A 188 4.28 -8.29 -0.45
C TYR A 188 3.73 -8.07 -1.83
N VAL A 189 3.61 -9.13 -2.63
CA VAL A 189 3.12 -9.00 -4.00
C VAL A 189 1.97 -9.98 -4.17
N ILE A 190 0.88 -9.52 -4.76
CA ILE A 190 -0.20 -10.39 -5.17
C ILE A 190 -0.32 -10.34 -6.71
N TYR A 191 -0.99 -11.34 -7.26
CA TYR A 191 -1.14 -11.49 -8.71
C TYR A 191 -2.57 -11.37 -9.19
N ARG A 192 -3.48 -11.16 -8.25
CA ARG A 192 -4.92 -11.07 -8.53
C ARG A 192 -5.45 -9.82 -7.81
N GLY A 193 -6.14 -8.95 -8.55
CA GLY A 193 -6.67 -7.72 -8.01
C GLY A 193 -7.58 -7.94 -6.85
N GLU A 194 -8.32 -9.04 -6.92
CA GLU A 194 -9.30 -9.44 -5.91
C GLU A 194 -8.72 -9.82 -4.54
N GLN A 195 -7.42 -10.07 -4.48
CA GLN A 195 -6.77 -10.33 -3.18
C GLN A 195 -6.45 -9.09 -2.31
N ALA A 196 -6.79 -7.90 -2.78
CA ALA A 196 -6.62 -6.71 -1.96
C ALA A 196 -7.90 -5.87 -1.96
N TYR A 197 -8.18 -5.21 -0.85
CA TYR A 197 -9.32 -4.29 -0.72
C TYR A 197 -8.77 -2.99 -0.15
N PRO A 198 -8.96 -1.87 -0.84
CA PRO A 198 -8.46 -0.62 -0.30
C PRO A 198 -9.37 -0.05 0.77
N GLU A 199 -9.21 -0.46 2.03
CA GLU A 199 -10.12 -0.04 3.08
C GLU A 199 -10.06 1.45 3.43
N TYR A 200 -8.87 1.99 3.60
CA TYR A 200 -8.72 3.39 4.01
C TYR A 200 -7.96 4.21 2.99
N LEU A 201 -8.43 5.44 2.85
CA LEU A 201 -7.82 6.40 1.94
C LEU A 201 -7.31 7.45 2.90
N ILE A 202 -6.01 7.71 2.85
CA ILE A 202 -5.33 8.58 3.82
C ILE A 202 -4.80 9.80 3.08
N THR A 203 -5.18 10.99 3.54
CA THR A 203 -4.74 12.18 2.90
C THR A 203 -3.79 12.91 3.86
N TYR A 204 -2.64 13.35 3.35
CA TYR A 204 -1.57 13.79 4.23
C TYR A 204 -0.53 14.64 3.49
N GLN A 205 0.31 15.34 4.26
CA GLN A 205 1.53 15.94 3.77
C GLN A 205 2.71 15.30 4.51
N ILE A 206 3.87 15.19 3.85
CA ILE A 206 5.10 14.89 4.61
C ILE A 206 5.52 16.17 5.33
N MET A 207 6.21 16.06 6.45
CA MET A 207 6.55 17.20 7.25
C MET A 207 8.03 17.49 7.18
N ARG A 208 8.38 18.75 6.93
CA ARG A 208 9.80 19.10 6.88
C ARG A 208 10.40 18.94 8.29
N PRO A 209 11.54 18.24 8.40
CA PRO A 209 12.22 18.08 9.68
C PRO A 209 12.71 19.42 10.25
N GLU A 210 12.56 19.57 11.56
CA GLU A 210 13.08 20.75 12.25
C GLU A 210 14.58 20.91 12.12
ZN ZN B . 3.93 20.43 -4.69
S SO4 C . 15.03 1.85 0.29
O1 SO4 C . 15.70 2.25 1.56
O2 SO4 C . 14.13 0.72 0.49
O3 SO4 C . 14.28 2.92 -0.31
O4 SO4 C . 16.09 1.49 -0.65
S SO4 D . 10.73 16.41 12.99
O1 SO4 D . 10.74 17.76 13.54
O2 SO4 D . 10.35 15.43 14.02
O3 SO4 D . 9.76 16.33 11.88
O4 SO4 D . 12.08 16.16 12.51
CAA AJ4 E . 6.75 -1.47 -3.99
CAM AJ4 E . 5.48 -0.57 -4.13
CAJ AJ4 E . 4.80 -0.14 -2.96
CAQ AJ4 E . 3.66 0.66 -3.06
OAB AJ4 E . 3.05 1.09 -2.07
NAL AJ4 E . 3.19 1.03 -4.34
CAR AJ4 E . 3.84 0.61 -5.50
CAK AJ4 E . 3.33 0.99 -6.75
CAS AJ4 E . 4.99 -0.20 -5.41
CAI AJ4 E . 5.61 -0.62 -6.63
CAH AJ4 E . 5.10 -0.20 -7.88
CAO AJ4 E . 3.95 0.59 -7.94
CAP AJ4 E . 3.41 1.05 -9.16
CAG AJ4 E . 3.11 0.14 -10.18
CAE AJ4 E . 2.58 0.55 -11.39
CAD AJ4 E . 2.34 1.90 -11.62
CAF AJ4 E . 2.65 2.85 -10.62
CAN AJ4 E . 3.17 2.45 -9.38
FAC AJ4 E . 3.42 3.45 -8.46
#